data_7F9H
#
_entry.id   7F9H
#
_cell.length_a   104.228
_cell.length_b   58.490
_cell.length_c   67.569
_cell.angle_alpha   90.000
_cell.angle_beta   98.370
_cell.angle_gamma   90.000
#
_symmetry.space_group_name_H-M   'C 1 2 1'
#
loop_
_entity.id
_entity.type
_entity.pdbx_description
1 polymer 'EnrR repressor'
2 polymer 'target DNA'
3 water water
#
loop_
_entity_poly.entity_id
_entity_poly.type
_entity_poly.pdbx_seq_one_letter_code
_entity_poly.pdbx_strand_id
1 'polypeptide(L)'
;(MSE)TNSSASQKKRSKGSAQDWHRADIVAALHKRGITLAGLSRAHGLAARTLSNA(MSE)ERHYPRAERLIAQALD
(MSE)RPEDIWPQRYRNKKTDGEKE
;
A,B
2 'polydeoxyribonucleotide'
;(DC)(DG)(DA)(DA)(DA)(DT)(DA)(DT)(CBR)(DT)(DA)(DT)(DA)(DG)(DA)(DT)(DA)(DT)(DT)
(DT)(DC)(DG)
;
C,D
#
loop_
_chem_comp.id
_chem_comp.type
_chem_comp.name
_chem_comp.formula
CBR DNA linking 5-BROMO-2'-DEOXY-CYTIDINE-5'-MONOPHOSPHATE 'C9 H13 Br N3 O7 P'
DA DNA linking 2'-DEOXYADENOSINE-5'-MONOPHOSPHATE 'C10 H14 N5 O6 P'
DC DNA linking 2'-DEOXYCYTIDINE-5'-MONOPHOSPHATE 'C9 H14 N3 O7 P'
DG DNA linking 2'-DEOXYGUANOSINE-5'-MONOPHOSPHATE 'C10 H14 N5 O7 P'
DT DNA linking THYMIDINE-5'-MONOPHOSPHATE 'C10 H15 N2 O8 P'
#
# COMPACT_ATOMS: atom_id res chain seq x y z
N SER A 7 6.27 7.72 -27.78
CA SER A 7 4.85 7.33 -28.05
C SER A 7 4.59 5.86 -27.73
N GLN A 8 5.33 4.97 -28.41
CA GLN A 8 5.35 3.54 -28.07
C GLN A 8 6.01 3.33 -26.72
N LYS A 9 7.07 4.10 -26.47
CA LYS A 9 7.77 4.14 -25.18
C LYS A 9 6.85 4.58 -24.03
N LYS A 10 6.00 5.57 -24.29
CA LYS A 10 5.12 6.15 -23.27
C LYS A 10 3.96 5.22 -22.86
N ARG A 11 3.37 4.47 -23.79
CA ARG A 11 2.32 3.48 -23.50
C ARG A 11 2.85 2.37 -22.62
N SER A 12 4.03 1.93 -22.94
CA SER A 12 4.65 0.83 -22.21
C SER A 12 4.94 1.23 -20.76
N LYS A 13 5.33 2.49 -20.54
CA LYS A 13 5.45 3.05 -19.17
C LYS A 13 4.10 3.05 -18.46
N GLY A 14 3.05 3.51 -19.16
CA GLY A 14 1.71 3.61 -18.61
C GLY A 14 1.08 2.29 -18.18
N SER A 15 1.40 1.20 -18.88
CA SER A 15 0.86 -0.14 -18.56
C SER A 15 1.81 -1.01 -17.77
N ALA A 16 2.99 -0.51 -17.41
CA ALA A 16 3.92 -1.33 -16.62
C ALA A 16 3.32 -1.67 -15.27
N GLN A 17 3.53 -2.90 -14.81
CA GLN A 17 3.01 -3.37 -13.54
C GLN A 17 4.14 -3.59 -12.51
N ASP A 18 3.75 -3.44 -11.25
CA ASP A 18 4.69 -3.63 -10.14
C ASP A 18 5.18 -5.07 -10.10
N TRP A 19 6.45 -5.24 -9.76
CA TRP A 19 6.96 -6.57 -9.45
C TRP A 19 6.13 -7.19 -8.33
N HIS A 20 5.91 -8.50 -8.41
CA HIS A 20 5.29 -9.23 -7.30
C HIS A 20 6.30 -9.26 -6.13
N ARG A 21 5.79 -9.21 -4.89
CA ARG A 21 6.67 -9.17 -3.72
C ARG A 21 7.62 -10.38 -3.70
N ALA A 22 7.11 -11.56 -4.06
CA ALA A 22 7.96 -12.76 -4.14
C ALA A 22 9.12 -12.62 -5.14
N ASP A 23 8.89 -11.92 -6.25
CA ASP A 23 9.96 -11.67 -7.24
C ASP A 23 11.04 -10.72 -6.71
N ILE A 24 10.63 -9.72 -5.93
CA ILE A 24 11.58 -8.78 -5.33
C ILE A 24 12.45 -9.52 -4.31
N VAL A 25 11.81 -10.29 -3.45
CA VAL A 25 12.50 -11.09 -2.43
C VAL A 25 13.46 -12.09 -3.07
N ALA A 26 12.99 -12.79 -4.10
CA ALA A 26 13.84 -13.75 -4.83
C ALA A 26 15.08 -13.10 -5.45
N ALA A 27 14.90 -11.93 -6.05
CA ALA A 27 16.00 -11.21 -6.66
C ALA A 27 17.04 -10.77 -5.61
N LEU A 28 16.57 -10.28 -4.46
CA LEU A 28 17.50 -9.94 -3.36
C LEU A 28 18.27 -11.17 -2.89
N HIS A 29 17.54 -12.24 -2.61
CA HIS A 29 18.16 -13.48 -2.09
C HIS A 29 19.21 -14.06 -3.03
N LYS A 30 18.96 -13.95 -4.35
CA LYS A 30 19.94 -14.42 -5.33
C LYS A 30 21.26 -13.65 -5.25
N ARG A 31 21.20 -12.39 -4.84
CA ARG A 31 22.39 -11.56 -4.58
C ARG A 31 22.99 -11.74 -3.17
N GLY A 32 22.44 -12.65 -2.38
CA GLY A 32 22.88 -12.84 -1.00
C GLY A 32 22.42 -11.76 -0.05
N ILE A 33 21.31 -11.10 -0.37
CA ILE A 33 20.76 -10.00 0.44
C ILE A 33 19.38 -10.38 0.94
N THR A 34 19.09 -10.07 2.20
CA THR A 34 17.74 -10.23 2.75
C THR A 34 17.20 -8.85 3.06
N LEU A 35 15.88 -8.73 3.07
CA LEU A 35 15.25 -7.50 3.51
C LEU A 35 15.65 -7.17 4.96
N ALA A 36 15.71 -8.20 5.82
CA ALA A 36 16.11 -8.00 7.21
C ALA A 36 17.56 -7.49 7.31
N GLY A 37 18.48 -8.17 6.63
CA GLY A 37 19.89 -7.79 6.61
C GLY A 37 20.09 -6.40 6.05
N LEU A 38 19.41 -6.11 4.94
CA LEU A 38 19.53 -4.82 4.29
C LEU A 38 19.01 -3.70 5.21
N SER A 39 17.92 -3.96 5.92
CA SER A 39 17.39 -2.99 6.88
C SER A 39 18.39 -2.70 7.98
N ARG A 40 18.93 -3.76 8.59
CA ARG A 40 19.90 -3.62 9.67
C ARG A 40 21.17 -2.91 9.23
N ALA A 41 21.62 -3.21 8.02
CA ALA A 41 22.81 -2.57 7.43
C ALA A 41 22.66 -1.05 7.29
N HIS A 42 21.43 -0.58 7.16
CA HIS A 42 21.14 0.86 7.04
C HIS A 42 20.66 1.49 8.34
N GLY A 43 20.85 0.81 9.46
CA GLY A 43 20.47 1.35 10.76
C GLY A 43 18.98 1.37 11.04
N LEU A 44 18.20 0.60 10.30
CA LEU A 44 16.75 0.50 10.50
C LEU A 44 16.43 -0.77 11.28
N ALA A 45 15.26 -0.81 11.90
CA ALA A 45 14.74 -2.04 12.49
C ALA A 45 14.67 -3.14 11.42
N ALA A 46 14.92 -4.37 11.83
CA ALA A 46 15.01 -5.51 10.90
C ALA A 46 13.83 -5.62 9.94
N ARG A 47 12.62 -5.36 10.43
CA ARG A 47 11.41 -5.48 9.61
C ARG A 47 11.07 -4.26 8.74
N THR A 48 11.76 -3.13 8.92
CA THR A 48 11.30 -1.88 8.33
C THR A 48 11.26 -1.92 6.79
N LEU A 49 12.31 -2.39 6.13
CA LEU A 49 12.30 -2.36 4.65
C LEU A 49 11.21 -3.24 4.05
N SER A 50 10.89 -4.37 4.70
CA SER A 50 9.80 -5.25 4.24
C SER A 50 8.44 -4.55 4.22
N ASN A 51 8.30 -3.46 4.97
CA ASN A 51 7.08 -2.67 4.93
C ASN A 51 6.75 -2.18 3.51
N ALA A 52 7.79 -1.92 2.71
CA ALA A 52 7.61 -1.49 1.31
C ALA A 52 6.92 -2.55 0.44
N MSE A 53 6.92 -3.81 0.88
CA MSE A 53 6.20 -4.86 0.14
C MSE A 53 4.70 -4.64 0.17
O MSE A 53 4.00 -5.11 -0.74
CB MSE A 53 6.47 -6.27 0.67
CG MSE A 53 7.93 -6.70 0.72
SE MSE A 53 8.79 -6.74 -1.06
CE MSE A 53 9.77 -5.04 -0.85
N GLU A 54 4.18 -3.96 1.19
CA GLU A 54 2.71 -3.78 1.37
C GLU A 54 2.18 -2.37 1.18
N ARG A 55 3.05 -1.36 1.17
CA ARG A 55 2.58 0.00 0.94
C ARG A 55 3.69 0.88 0.40
N HIS A 56 3.29 2.01 -0.16
CA HIS A 56 4.21 2.97 -0.75
C HIS A 56 5.03 3.62 0.36
N TYR A 57 6.36 3.50 0.23
CA TYR A 57 7.30 4.00 1.23
C TYR A 57 8.57 4.39 0.46
N PRO A 58 8.63 5.65 -0.01
CA PRO A 58 9.71 6.02 -0.95
C PRO A 58 11.14 5.66 -0.51
N ARG A 59 11.55 5.99 0.71
CA ARG A 59 12.93 5.69 1.11
C ARG A 59 13.23 4.19 1.10
N ALA A 60 12.31 3.39 1.63
CA ALA A 60 12.47 1.94 1.65
C ALA A 60 12.58 1.39 0.24
N GLU A 61 11.76 1.90 -0.67
CA GLU A 61 11.80 1.52 -2.08
C GLU A 61 13.15 1.86 -2.71
N ARG A 62 13.65 3.04 -2.38
CA ARG A 62 14.95 3.48 -2.89
C ARG A 62 16.09 2.56 -2.45
N LEU A 63 16.08 2.19 -1.18
CA LEU A 63 17.12 1.30 -0.64
C LEU A 63 17.05 -0.09 -1.25
N ILE A 64 15.84 -0.62 -1.41
CA ILE A 64 15.65 -1.94 -2.03
C ILE A 64 16.11 -1.93 -3.50
N ALA A 65 15.68 -0.91 -4.24
CA ALA A 65 16.03 -0.77 -5.65
C ALA A 65 17.55 -0.64 -5.84
N GLN A 66 18.18 0.18 -4.99
CA GLN A 66 19.65 0.33 -4.97
C GLN A 66 20.35 -1.02 -4.83
N ALA A 67 19.86 -1.86 -3.91
CA ALA A 67 20.41 -3.20 -3.70
C ALA A 67 20.28 -4.12 -4.92
N LEU A 68 19.28 -3.88 -5.76
CA LEU A 68 19.09 -4.62 -7.01
C LEU A 68 19.65 -3.91 -8.24
N ASP A 69 20.39 -2.81 -8.06
CA ASP A 69 20.93 -2.02 -9.16
C ASP A 69 19.81 -1.54 -10.11
N MSE A 70 18.68 -1.10 -9.55
CA MSE A 70 17.51 -0.67 -10.31
C MSE A 70 16.98 0.63 -9.79
O MSE A 70 17.33 1.04 -8.68
CB MSE A 70 16.41 -1.71 -10.18
CG MSE A 70 16.64 -2.91 -11.07
SE MSE A 70 15.26 -4.25 -10.68
CE MSE A 70 13.89 -3.38 -11.81
N ARG A 71 16.15 1.26 -10.59
CA ARG A 71 15.40 2.43 -10.15
C ARG A 71 14.10 1.96 -9.48
N PRO A 72 13.69 2.62 -8.37
CA PRO A 72 12.43 2.19 -7.71
C PRO A 72 11.21 2.26 -8.63
N GLU A 73 11.19 3.22 -9.55
CA GLU A 73 10.07 3.35 -10.49
C GLU A 73 9.99 2.21 -11.51
N ASP A 74 11.05 1.43 -11.66
CA ASP A 74 11.03 0.23 -12.50
C ASP A 74 10.58 -1.02 -11.75
N ILE A 75 10.72 -1.03 -10.43
CA ILE A 75 10.17 -2.11 -9.60
C ILE A 75 8.68 -1.85 -9.33
N TRP A 76 8.35 -0.60 -9.01
CA TRP A 76 6.99 -0.22 -8.64
C TRP A 76 6.45 0.92 -9.52
N PRO A 77 6.36 0.69 -10.85
CA PRO A 77 5.87 1.77 -11.74
C PRO A 77 4.51 2.36 -11.34
N GLN A 78 3.63 1.53 -10.80
CA GLN A 78 2.29 1.99 -10.41
C GLN A 78 2.32 2.92 -9.21
N ARG A 79 3.35 2.83 -8.38
CA ARG A 79 3.52 3.75 -7.25
C ARG A 79 4.14 5.09 -7.67
N TYR A 80 4.79 5.15 -8.82
CA TYR A 80 5.46 6.35 -9.35
C TYR A 80 4.78 6.88 -10.63
N ARG A 81 3.46 6.70 -10.72
CA ARG A 81 2.63 7.18 -11.81
C ARG A 81 2.02 8.50 -11.36
N ASN A 82 2.39 9.59 -12.04
CA ASN A 82 1.91 10.94 -11.74
C ASN A 82 1.06 11.46 -12.90
N SER B 15 -17.02 -1.17 -11.37
CA SER B 15 -17.18 -1.78 -10.00
C SER B 15 -16.09 -2.82 -9.60
N ALA B 16 -15.08 -3.05 -10.45
CA ALA B 16 -13.87 -3.83 -10.14
C ALA B 16 -12.68 -2.98 -9.65
N GLN B 17 -12.83 -1.65 -9.66
CA GLN B 17 -11.75 -0.75 -9.27
C GLN B 17 -11.96 -0.39 -7.82
N ASP B 18 -10.89 -0.32 -7.03
CA ASP B 18 -11.00 0.20 -5.66
C ASP B 18 -11.45 1.65 -5.71
N TRP B 19 -12.26 2.04 -4.75
CA TRP B 19 -12.60 3.46 -4.58
C TRP B 19 -11.32 4.27 -4.34
N HIS B 20 -11.26 5.48 -4.88
CA HIS B 20 -10.16 6.40 -4.57
C HIS B 20 -10.32 6.86 -3.14
N ARG B 21 -9.19 7.10 -2.46
CA ARG B 21 -9.24 7.47 -1.05
C ARG B 21 -10.07 8.75 -0.83
N ALA B 22 -9.96 9.72 -1.73
CA ALA B 22 -10.80 10.94 -1.68
C ALA B 22 -12.31 10.65 -1.74
N ASP B 23 -12.71 9.65 -2.53
CA ASP B 23 -14.13 9.25 -2.62
C ASP B 23 -14.63 8.61 -1.32
N ILE B 24 -13.79 7.81 -0.67
CA ILE B 24 -14.14 7.17 0.59
C ILE B 24 -14.33 8.26 1.65
N VAL B 25 -13.39 9.19 1.72
CA VAL B 25 -13.44 10.30 2.66
C VAL B 25 -14.68 11.18 2.42
N ALA B 26 -14.95 11.51 1.16
CA ALA B 26 -16.13 12.32 0.80
C ALA B 26 -17.44 11.64 1.23
N ALA B 27 -17.53 10.34 1.00
CA ALA B 27 -18.72 9.58 1.38
C ALA B 27 -18.93 9.54 2.90
N LEU B 28 -17.86 9.35 3.66
CA LEU B 28 -17.94 9.45 5.12
C LEU B 28 -18.40 10.82 5.57
N HIS B 29 -17.76 11.86 5.05
CA HIS B 29 -18.06 13.25 5.45
C HIS B 29 -19.50 13.66 5.15
N LYS B 30 -20.05 13.16 4.04
CA LYS B 30 -21.45 13.40 3.71
C LYS B 30 -22.42 12.83 4.77
N ARG B 31 -22.02 11.73 5.41
CA ARG B 31 -22.77 11.15 6.54
C ARG B 31 -22.46 11.78 7.91
N GLY B 32 -21.61 12.80 7.94
CA GLY B 32 -21.19 13.41 9.20
C GLY B 32 -20.17 12.59 9.98
N ILE B 33 -19.39 11.77 9.27
CA ILE B 33 -18.39 10.89 9.88
C ILE B 33 -17.01 11.27 9.35
N THR B 34 -16.01 11.29 10.22
CA THR B 34 -14.60 11.44 9.80
C THR B 34 -13.86 10.13 10.10
N LEU B 35 -12.79 9.86 9.35
CA LEU B 35 -11.90 8.74 9.69
C LEU B 35 -11.37 8.85 11.11
N ALA B 36 -10.97 10.07 11.50
CA ALA B 36 -10.47 10.32 12.85
C ALA B 36 -11.54 10.03 13.91
N GLY B 37 -12.73 10.59 13.72
CA GLY B 37 -13.85 10.37 14.64
C GLY B 37 -14.26 8.92 14.73
N LEU B 38 -14.32 8.26 13.58
CA LEU B 38 -14.69 6.85 13.53
C LEU B 38 -13.67 5.98 14.26
N SER B 39 -12.38 6.30 14.09
CA SER B 39 -11.32 5.58 14.80
C SER B 39 -11.46 5.73 16.30
N ARG B 40 -11.62 6.97 16.75
CA ARG B 40 -11.78 7.25 18.18
C ARG B 40 -13.01 6.56 18.77
N ALA B 41 -14.11 6.57 18.02
CA ALA B 41 -15.37 5.92 18.44
C ALA B 41 -15.22 4.41 18.68
N HIS B 42 -14.27 3.79 17.98
CA HIS B 42 -13.99 2.36 18.15
C HIS B 42 -12.80 2.08 19.08
N GLY B 43 -12.35 3.07 19.84
CA GLY B 43 -11.27 2.87 20.80
C GLY B 43 -9.89 2.79 20.19
N LEU B 44 -9.75 3.21 18.94
CA LEU B 44 -8.46 3.20 18.25
C LEU B 44 -7.85 4.59 18.29
N ALA B 45 -6.53 4.66 18.07
CA ALA B 45 -5.89 5.94 17.89
C ALA B 45 -6.54 6.68 16.71
N ALA B 46 -6.60 8.00 16.80
CA ALA B 46 -7.27 8.83 15.78
C ALA B 46 -6.87 8.50 14.35
N ARG B 47 -5.58 8.26 14.12
CA ARG B 47 -5.07 8.01 12.77
C ARG B 47 -5.20 6.57 12.26
N THR B 48 -5.59 5.63 13.12
CA THR B 48 -5.49 4.21 12.77
C THR B 48 -6.34 3.80 11.58
N LEU B 49 -7.61 4.19 11.52
CA LEU B 49 -8.45 3.76 10.39
C LEU B 49 -7.98 4.31 9.05
N SER B 50 -7.43 5.54 9.05
CA SER B 50 -6.87 6.13 7.83
C SER B 50 -5.70 5.32 7.23
N ASN B 51 -5.07 4.47 8.04
CA ASN B 51 -4.04 3.56 7.54
C ASN B 51 -4.56 2.65 6.41
N ALA B 52 -5.84 2.28 6.47
CA ALA B 52 -6.48 1.50 5.40
C ALA B 52 -6.49 2.19 4.04
N MSE B 53 -6.30 3.52 4.00
CA MSE B 53 -6.21 4.23 2.72
C MSE B 53 -4.95 3.87 1.95
O MSE B 53 -4.95 4.01 0.74
CB MSE B 53 -6.23 5.75 2.90
CG MSE B 53 -7.43 6.35 3.65
SE MSE B 53 -9.14 5.89 2.77
CE MSE B 53 -9.75 4.51 4.00
N GLU B 54 -3.89 3.42 2.64
CA GLU B 54 -2.58 3.13 1.99
C GLU B 54 -2.18 1.66 1.94
N ARG B 55 -2.85 0.78 2.68
CA ARG B 55 -2.53 -0.63 2.62
C ARG B 55 -3.70 -1.50 3.09
N HIS B 56 -3.63 -2.77 2.74
CA HIS B 56 -4.65 -3.74 3.10
C HIS B 56 -4.64 -3.99 4.60
N TYR B 57 -5.78 -3.76 5.25
CA TYR B 57 -5.94 -3.85 6.68
C TYR B 57 -7.39 -4.28 6.93
N PRO B 58 -7.63 -5.60 6.94
CA PRO B 58 -9.01 -6.10 6.98
C PRO B 58 -9.94 -5.49 8.05
N ARG B 59 -9.55 -5.44 9.31
CA ARG B 59 -10.43 -4.87 10.35
C ARG B 59 -10.78 -3.41 10.07
N ALA B 60 -9.78 -2.59 9.73
CA ALA B 60 -10.02 -1.18 9.43
C ALA B 60 -10.98 -1.01 8.26
N GLU B 61 -10.78 -1.83 7.22
CA GLU B 61 -11.66 -1.86 6.05
C GLU B 61 -13.09 -2.21 6.43
N ARG B 62 -13.22 -3.21 7.30
CA ARG B 62 -14.56 -3.61 7.76
CA ARG B 62 -14.54 -3.65 7.81
C ARG B 62 -15.27 -2.49 8.51
N LEU B 63 -14.56 -1.80 9.40
CA LEU B 63 -15.14 -0.67 10.16
C LEU B 63 -15.54 0.51 9.27
N ILE B 64 -14.70 0.84 8.30
CA ILE B 64 -15.02 1.91 7.35
C ILE B 64 -16.24 1.55 6.50
N ALA B 65 -16.24 0.33 5.96
CA ALA B 65 -17.33 -0.13 5.10
C ALA B 65 -18.66 -0.14 5.87
N GLN B 66 -18.61 -0.63 7.11
CA GLN B 66 -19.77 -0.63 8.00
C GLN B 66 -20.38 0.78 8.14
N ALA B 67 -19.51 1.78 8.33
CA ALA B 67 -19.95 3.17 8.45
C ALA B 67 -20.63 3.70 7.18
N LEU B 68 -20.29 3.14 6.03
CA LEU B 68 -20.91 3.48 4.75
C LEU B 68 -22.03 2.51 4.34
N ASP B 69 -22.41 1.58 5.22
CA ASP B 69 -23.40 0.54 4.93
C ASP B 69 -23.05 -0.27 3.70
N MSE B 70 -21.77 -0.63 3.60
CA MSE B 70 -21.25 -1.36 2.45
C MSE B 70 -20.42 -2.50 2.92
O MSE B 70 -20.02 -2.57 4.07
CB MSE B 70 -20.36 -0.44 1.63
CG MSE B 70 -21.17 0.47 0.73
SE MSE B 70 -19.95 1.73 -0.14
CE MSE B 70 -21.36 3.09 -0.39
N ARG B 71 -20.17 -3.43 2.00
CA ARG B 71 -19.22 -4.51 2.22
C ARG B 71 -17.82 -4.01 1.85
N PRO B 72 -16.78 -4.39 2.62
CA PRO B 72 -15.42 -3.94 2.29
C PRO B 72 -14.96 -4.37 0.90
N GLU B 73 -15.41 -5.55 0.45
CA GLU B 73 -15.07 -6.03 -0.90
C GLU B 73 -15.69 -5.21 -2.03
N ASP B 74 -16.70 -4.39 -1.74
CA ASP B 74 -17.25 -3.46 -2.73
C ASP B 74 -16.54 -2.10 -2.76
N ILE B 75 -15.88 -1.73 -1.66
CA ILE B 75 -15.02 -0.54 -1.65
C ILE B 75 -13.64 -0.88 -2.23
N TRP B 76 -13.09 -2.03 -1.84
CA TRP B 76 -11.75 -2.45 -2.25
C TRP B 76 -11.76 -3.84 -2.91
N PRO B 77 -12.49 -3.99 -4.04
CA PRO B 77 -12.53 -5.29 -4.72
C PRO B 77 -11.15 -5.90 -5.03
N GLN B 78 -10.17 -5.07 -5.34
CA GLN B 78 -8.83 -5.58 -5.65
C GLN B 78 -8.09 -6.17 -4.45
N ARG B 79 -8.46 -5.73 -3.25
CA ARG B 79 -7.89 -6.29 -2.03
C ARG B 79 -8.55 -7.61 -1.62
N TYR B 80 -9.73 -7.89 -2.15
CA TYR B 80 -10.49 -9.12 -1.86
C TYR B 80 -10.67 -10.01 -3.09
N ARG B 81 -9.68 -10.03 -3.97
CA ARG B 81 -9.77 -10.84 -5.20
C ARG B 81 -9.88 -12.33 -4.90
N ASN B 82 -8.99 -12.81 -4.05
CA ASN B 82 -9.03 -14.19 -3.53
C ASN B 82 -9.76 -14.24 -2.20
BR CBR C 9 2.56 7.55 4.85
P CBR C 9 4.88 10.19 -0.56
OP1 CBR C 9 5.59 10.65 -1.79
OP2 CBR C 9 4.19 8.87 -0.51
O5' CBR C 9 5.92 10.29 0.66
N1 CBR C 9 5.84 9.96 5.01
C6 CBR C 9 4.87 9.13 4.61
C2 CBR C 9 5.84 10.46 6.33
O2 CBR C 9 6.74 11.26 6.69
N3 CBR C 9 4.89 10.08 7.23
C4 CBR C 9 3.87 9.23 6.87
N4 CBR C 9 2.91 8.83 7.76
C5 CBR C 9 3.89 8.72 5.48
C2' CBR C 9 7.50 9.25 3.22
C5' CBR C 9 6.67 11.50 0.85
C4' CBR C 9 7.50 11.36 2.11
O4' CBR C 9 6.60 11.41 3.23
C1' CBR C 9 6.95 10.37 4.11
C3' CBR C 9 8.27 10.04 2.18
O3' CBR C 9 9.59 10.29 2.65
BR CBR D 9 0.50 -6.46 7.63
P CBR D 9 -4.22 -10.36 5.59
OP1 CBR D 9 -5.47 -11.08 5.17
OP2 CBR D 9 -3.76 -9.15 4.84
O5' CBR D 9 -4.38 -9.96 7.14
N1 CBR D 9 -1.86 -8.39 10.38
C6 CBR D 9 -1.38 -7.80 9.25
C2 CBR D 9 -1.07 -8.48 11.54
O2 CBR D 9 -1.51 -9.06 12.57
N3 CBR D 9 0.19 -7.95 11.58
C4 CBR D 9 0.69 -7.35 10.47
N4 CBR D 9 1.92 -6.82 10.55
C5 CBR D 9 -0.12 -7.27 9.24
C2' CBR D 9 -4.28 -8.07 9.75
C5' CBR D 9 -4.76 -10.97 8.07
C4' CBR D 9 -4.71 -10.41 9.48
O4' CBR D 9 -3.34 -10.21 9.83
C1' CBR D 9 -3.23 -8.94 10.42
C3' CBR D 9 -5.42 -9.06 9.61
O3' CBR D 9 -6.22 -9.05 10.78
#